data_8HF3
#
_entry.id   8HF3
#
_cell.length_a   1.00
_cell.length_b   1.00
_cell.length_c   1.00
_cell.angle_alpha   90.00
_cell.angle_beta   90.00
_cell.angle_gamma   90.00
#
_symmetry.space_group_name_H-M   'P 1'
#
loop_
_entity.id
_entity.type
_entity.pdbx_description
1 polymer 'Palmitoyltransferase ZDHHC9'
2 polymer 'Golgin subfamily A member 7'
3 non-polymer 'ZINC ION'
4 non-polymer 'PALMITIC ACID'
5 non-polymer 1,2-DILAUROYL-SN-GLYCERO-3-PHOSPHATE
#
loop_
_entity_poly.entity_id
_entity_poly.type
_entity_poly.pdbx_seq_one_letter_code
_entity_poly.pdbx_strand_id
1 'polypeptide(L)'
;MSVMVVRKKVTRKWEKLPGRNTFCCDGRVMMARQKGIFYLTLFLILGTCTLFFAFECRYLAVQLSPAIPVFAAMLFLFSM
ATLLRTSFSDPGVIPRALPDEAAFIEMEIEATNGAVPQGQRPPPRIKNFQINNQIVKLKYCYTCKIFRPPRASHCSICDN
CVERFDHHCPWVGNCVGKRNYRYFYLFILSLSLLTIYVFAFNIVYVALKSLKIGFLETLKETPGTVLEVLICFFTLWSVV
GLTGFHTFLVALNQTTNEDIKGSWTGKNRVQNPYSHGNIVKNCCEVLCGPLPPSVLDRRGILPLEESGSRPPSTQETSSS
LLPQSPAPTEHLNSNEMPEDSSTPEEMPPPEPPEPPQEAAEAEKDYKDDDDK
;
A
2 'polypeptide(L)'
;MHHHHHHMRPQQAPVSGKVFIQRDYSSGTRCQFQTKFPAELENRIDRQQFEETVRTLNNLYAEAEKLGGQSYLEGCLACL
TAYTIFLCMETHYEKVLKKVSKYIQEQNEKIYAPQGLLLTDPIERGLRVIEITIYEDRGMSSGR
;
B
#
# COMPACT_ATOMS: atom_id res chain seq x y z
N LYS A 9 -21.42 -21.66 12.44
CA LYS A 9 -20.20 -20.98 12.06
C LYS A 9 -20.49 -19.70 11.28
N VAL A 10 -19.65 -18.69 11.46
CA VAL A 10 -19.81 -17.41 10.79
C VAL A 10 -19.08 -17.47 9.45
N THR A 11 -19.59 -16.70 8.48
CA THR A 11 -19.01 -16.64 7.14
C THR A 11 -18.27 -15.31 7.00
N ARG A 12 -16.95 -15.34 7.22
CA ARG A 12 -16.16 -14.14 7.09
C ARG A 12 -16.07 -13.71 5.62
N LYS A 13 -15.63 -12.48 5.41
CA LYS A 13 -15.62 -11.87 4.09
C LYS A 13 -14.37 -12.20 3.29
N TRP A 14 -13.53 -13.10 3.77
CA TRP A 14 -12.34 -13.47 3.00
C TRP A 14 -12.52 -14.76 2.21
N GLU A 15 -13.32 -15.71 2.71
CA GLU A 15 -13.57 -16.92 1.96
C GLU A 15 -14.39 -16.67 0.71
N LYS A 16 -15.13 -15.57 0.66
CA LYS A 16 -15.89 -15.20 -0.53
C LYS A 16 -15.19 -14.13 -1.35
N LEU A 17 -14.25 -13.40 -0.78
CA LEU A 17 -13.51 -12.37 -1.48
C LEU A 17 -12.80 -12.96 -2.69
N PRO A 18 -13.14 -12.56 -3.91
CA PRO A 18 -12.45 -13.10 -5.08
C PRO A 18 -10.98 -12.71 -5.09
N GLY A 19 -10.25 -13.33 -6.00
CA GLY A 19 -8.83 -13.11 -6.14
C GLY A 19 -8.04 -14.37 -5.91
N ARG A 20 -6.74 -14.26 -6.08
CA ARG A 20 -5.81 -15.36 -5.94
C ARG A 20 -4.87 -15.13 -4.75
N ASN A 21 -5.43 -14.70 -3.64
CA ASN A 21 -4.67 -14.53 -2.41
C ASN A 21 -4.91 -15.71 -1.46
N THR A 22 -4.06 -15.80 -0.46
CA THR A 22 -4.19 -16.80 0.59
C THR A 22 -4.36 -16.10 1.94
N PHE A 23 -5.16 -16.70 2.81
CA PHE A 23 -5.50 -16.11 4.10
C PHE A 23 -5.26 -17.14 5.17
N CYS A 24 -4.30 -16.89 6.05
CA CYS A 24 -4.05 -17.77 7.19
C CYS A 24 -4.19 -17.00 8.49
N CYS A 25 -3.83 -17.68 9.58
CA CYS A 25 -4.11 -17.25 10.96
C CYS A 25 -5.49 -16.58 11.04
N ASP A 26 -6.49 -17.24 10.45
CA ASP A 26 -7.95 -17.01 10.46
C ASP A 26 -8.43 -15.92 9.51
N GLY A 27 -7.55 -15.25 8.78
CA GLY A 27 -8.01 -14.22 7.87
C GLY A 27 -7.27 -12.92 8.06
N ARG A 28 -6.52 -12.81 9.15
CA ARG A 28 -5.77 -11.61 9.48
C ARG A 28 -4.49 -11.49 8.69
N VAL A 29 -4.36 -12.23 7.60
CA VAL A 29 -3.17 -12.17 6.76
C VAL A 29 -3.65 -12.16 5.32
N MET A 30 -2.77 -11.72 4.43
CA MET A 30 -3.09 -11.73 3.01
C MET A 30 -1.79 -11.85 2.24
N MET A 31 -1.56 -13.01 1.62
CA MET A 31 -0.37 -13.26 0.84
C MET A 31 -0.75 -13.87 -0.50
N ALA A 32 0.19 -13.87 -1.43
CA ALA A 32 -0.03 -14.49 -2.71
C ALA A 32 -0.13 -16.01 -2.55
N ARG A 33 -0.48 -16.68 -3.65
CA ARG A 33 -0.52 -18.14 -3.61
C ARG A 33 0.88 -18.72 -3.75
N GLN A 34 1.67 -18.21 -4.69
CA GLN A 34 3.03 -18.69 -4.93
C GLN A 34 3.97 -18.08 -3.87
N LYS A 35 3.75 -18.50 -2.63
CA LYS A 35 4.60 -18.06 -1.52
C LYS A 35 5.72 -19.05 -1.26
N GLY A 36 6.21 -19.72 -2.30
CA GLY A 36 7.32 -20.65 -2.12
C GLY A 36 8.59 -19.94 -1.70
N ILE A 37 8.92 -18.84 -2.39
CA ILE A 37 10.17 -18.15 -2.11
C ILE A 37 10.11 -17.35 -0.82
N PHE A 38 8.90 -17.08 -0.30
CA PHE A 38 8.80 -16.42 1.00
C PHE A 38 9.40 -17.26 2.09
N TYR A 39 9.10 -18.56 2.11
CA TYR A 39 9.69 -19.44 3.10
C TYR A 39 11.21 -19.47 2.97
N LEU A 40 11.71 -19.40 1.74
CA LEU A 40 13.15 -19.41 1.53
C LEU A 40 13.79 -18.15 2.09
N THR A 41 13.17 -16.99 1.86
CA THR A 41 13.71 -15.75 2.42
C THR A 41 13.71 -15.79 3.95
N LEU A 42 12.60 -16.25 4.52
CA LEU A 42 12.50 -16.34 5.98
C LEU A 42 13.56 -17.27 6.54
N PHE A 43 13.73 -18.43 5.92
CA PHE A 43 14.70 -19.39 6.40
C PHE A 43 16.12 -18.85 6.26
N LEU A 44 16.42 -18.16 5.15
CA LEU A 44 17.75 -17.60 4.97
C LEU A 44 18.06 -16.56 6.03
N ILE A 45 17.14 -15.60 6.22
CA ILE A 45 17.36 -14.56 7.23
C ILE A 45 17.55 -15.18 8.60
N LEU A 46 16.61 -16.05 9.00
CA LEU A 46 16.66 -16.59 10.36
C LEU A 46 17.90 -17.46 10.56
N GLY A 47 18.26 -18.26 9.55
CA GLY A 47 19.42 -19.12 9.70
C GLY A 47 20.72 -18.33 9.77
N THR A 48 20.88 -17.33 8.92
CA THR A 48 22.11 -16.54 8.98
C THR A 48 22.20 -15.76 10.28
N CYS A 49 21.09 -15.17 10.74
CA CYS A 49 21.16 -14.42 11.98
C CYS A 49 21.36 -15.33 13.18
N THR A 50 20.81 -16.55 13.16
CA THR A 50 21.04 -17.47 14.27
C THR A 50 22.48 -17.97 14.26
N LEU A 51 23.03 -18.26 13.08
CA LEU A 51 24.44 -18.63 12.99
C LEU A 51 25.31 -17.52 13.56
N PHE A 52 25.04 -16.27 13.19
CA PHE A 52 25.76 -15.15 13.78
C PHE A 52 25.61 -15.16 15.30
N PHE A 53 24.38 -15.05 15.79
CA PHE A 53 24.12 -14.92 17.22
C PHE A 53 24.60 -16.11 18.03
N ALA A 54 24.93 -17.23 17.38
CA ALA A 54 25.37 -18.40 18.13
C ALA A 54 26.83 -18.74 17.98
N PHE A 55 27.52 -18.20 16.98
CA PHE A 55 28.91 -18.58 16.78
C PHE A 55 29.89 -17.41 16.71
N GLU A 56 29.42 -16.17 16.59
CA GLU A 56 30.34 -15.05 16.47
C GLU A 56 30.02 -13.94 17.46
N CYS A 57 28.74 -13.72 17.74
CA CYS A 57 28.38 -12.72 18.75
C CYS A 57 28.80 -13.15 20.13
N ARG A 58 28.80 -14.45 20.41
CA ARG A 58 29.27 -14.92 21.71
C ARG A 58 30.71 -14.49 21.94
N TYR A 59 31.58 -14.74 20.97
CA TYR A 59 32.98 -14.38 21.11
C TYR A 59 33.17 -12.87 21.09
N LEU A 60 32.48 -12.17 20.19
CA LEU A 60 32.62 -10.73 20.10
C LEU A 60 31.95 -10.00 21.27
N ALA A 61 31.22 -10.70 22.11
CA ALA A 61 30.68 -10.14 23.34
C ALA A 61 31.55 -10.45 24.54
N VAL A 62 32.09 -11.67 24.62
CA VAL A 62 32.96 -12.00 25.74
C VAL A 62 34.27 -11.22 25.65
N GLN A 63 34.85 -11.13 24.45
CA GLN A 63 36.18 -10.56 24.27
C GLN A 63 36.15 -9.23 23.50
N LEU A 64 35.05 -8.50 23.60
CA LEU A 64 34.95 -7.17 23.02
C LEU A 64 33.82 -6.43 23.73
N SER A 65 33.40 -5.31 23.18
CA SER A 65 32.31 -4.55 23.79
C SER A 65 31.01 -5.35 23.71
N PRO A 66 30.18 -5.31 24.75
CA PRO A 66 28.93 -6.08 24.74
C PRO A 66 27.80 -5.41 23.99
N ALA A 67 28.07 -4.38 23.19
CA ALA A 67 27.04 -3.70 22.42
C ALA A 67 26.83 -4.32 21.04
N ILE A 68 27.76 -5.13 20.57
CA ILE A 68 27.68 -5.72 19.24
C ILE A 68 26.44 -6.61 19.12
N PRO A 69 26.26 -7.62 19.97
CA PRO A 69 25.07 -8.47 19.81
C PRO A 69 23.77 -7.75 20.10
N VAL A 70 23.78 -6.75 21.00
CA VAL A 70 22.54 -6.04 21.29
C VAL A 70 22.12 -5.19 20.10
N PHE A 71 23.08 -4.48 19.48
CA PHE A 71 22.74 -3.71 18.30
C PHE A 71 22.35 -4.61 17.14
N ALA A 72 23.01 -5.75 16.99
CA ALA A 72 22.62 -6.68 15.93
C ALA A 72 21.21 -7.20 16.18
N ALA A 73 20.86 -7.45 17.43
CA ALA A 73 19.51 -7.91 17.72
C ALA A 73 18.49 -6.81 17.48
N MET A 74 18.85 -5.56 17.74
CA MET A 74 17.92 -4.46 17.42
C MET A 74 17.69 -4.37 15.92
N LEU A 75 18.76 -4.41 15.14
CA LEU A 75 18.59 -4.39 13.68
C LEU A 75 17.80 -5.58 13.19
N PHE A 76 18.02 -6.75 13.76
CA PHE A 76 17.33 -7.94 13.29
C PHE A 76 15.85 -7.92 13.65
N LEU A 77 15.52 -7.45 14.86
CA LEU A 77 14.12 -7.33 15.23
C LEU A 77 13.42 -6.30 14.35
N PHE A 78 14.09 -5.20 14.04
CA PHE A 78 13.49 -4.23 13.14
C PHE A 78 13.25 -4.84 11.76
N SER A 79 14.25 -5.55 11.23
CA SER A 79 14.11 -6.17 9.92
C SER A 79 12.98 -7.18 9.91
N MET A 80 12.87 -7.98 10.96
CA MET A 80 11.82 -9.00 10.99
C MET A 80 10.44 -8.36 11.11
N ALA A 81 10.29 -7.35 11.96
CA ALA A 81 9.00 -6.69 12.10
C ALA A 81 8.57 -6.06 10.78
N THR A 82 9.50 -5.39 10.09
CA THR A 82 9.12 -4.77 8.83
C THR A 82 8.87 -5.79 7.73
N LEU A 83 9.61 -6.90 7.70
CA LEU A 83 9.33 -7.92 6.69
C LEU A 83 7.97 -8.55 6.92
N LEU A 84 7.65 -8.90 8.17
CA LEU A 84 6.36 -9.49 8.43
C LEU A 84 5.24 -8.51 8.16
N ARG A 85 5.45 -7.21 8.41
CA ARG A 85 4.42 -6.23 8.12
C ARG A 85 4.29 -6.00 6.61
N THR A 86 5.36 -6.20 5.86
CA THR A 86 5.27 -6.06 4.40
C THR A 86 4.54 -7.24 3.80
N SER A 87 4.80 -8.44 4.29
CA SER A 87 4.20 -9.63 3.70
C SER A 87 2.76 -9.80 4.14
N PHE A 88 2.51 -9.81 5.45
CA PHE A 88 1.19 -10.18 5.95
C PHE A 88 0.12 -9.18 5.56
N SER A 89 0.47 -7.91 5.40
CA SER A 89 -0.52 -6.86 5.34
C SER A 89 -1.23 -6.82 3.98
N ASP A 90 -2.22 -5.94 3.90
CA ASP A 90 -3.02 -5.78 2.69
C ASP A 90 -2.43 -4.68 1.84
N PRO A 91 -2.00 -4.96 0.61
CA PRO A 91 -1.27 -3.97 -0.19
C PRO A 91 -2.14 -2.86 -0.78
N GLY A 92 -3.39 -2.73 -0.35
CA GLY A 92 -4.24 -1.68 -0.88
C GLY A 92 -5.05 -2.15 -2.07
N VAL A 93 -5.78 -3.25 -1.90
CA VAL A 93 -6.57 -3.83 -2.98
C VAL A 93 -7.87 -3.05 -3.13
N ILE A 94 -8.26 -2.80 -4.38
CA ILE A 94 -9.51 -2.10 -4.68
C ILE A 94 -10.63 -3.12 -4.83
N PRO A 95 -11.78 -2.93 -4.18
CA PRO A 95 -12.86 -3.89 -4.31
C PRO A 95 -13.49 -3.82 -5.70
N ARG A 96 -13.91 -4.99 -6.20
CA ARG A 96 -14.52 -5.05 -7.51
C ARG A 96 -15.84 -4.30 -7.52
N ALA A 97 -16.28 -3.92 -8.71
CA ALA A 97 -17.53 -3.19 -8.85
C ALA A 97 -18.72 -4.11 -8.65
N LEU A 98 -19.69 -3.63 -7.87
CA LEU A 98 -20.95 -4.36 -7.74
C LEU A 98 -21.66 -4.41 -9.08
N PRO A 99 -22.59 -5.35 -9.25
CA PRO A 99 -23.24 -5.48 -10.57
C PRO A 99 -23.94 -4.22 -11.04
N ASP A 100 -24.66 -3.52 -10.17
CA ASP A 100 -25.40 -2.34 -10.60
C ASP A 100 -24.46 -1.19 -10.94
N GLU A 101 -23.45 -0.94 -10.11
CA GLU A 101 -22.52 0.14 -10.39
C GLU A 101 -21.71 -0.15 -11.65
N ALA A 102 -21.28 -1.39 -11.83
CA ALA A 102 -20.57 -1.76 -13.05
C ALA A 102 -21.45 -1.60 -14.27
N ALA A 103 -22.72 -2.01 -14.16
CA ALA A 103 -23.65 -1.83 -15.27
C ALA A 103 -23.84 -0.37 -15.60
N PHE A 104 -23.94 0.48 -14.58
CA PHE A 104 -24.10 1.92 -14.80
C PHE A 104 -22.86 2.51 -15.47
N ILE A 105 -21.67 2.13 -15.01
CA ILE A 105 -20.43 2.60 -15.62
C ILE A 105 -20.37 2.20 -17.08
N GLU A 106 -20.64 0.92 -17.37
CA GLU A 106 -20.58 0.44 -18.75
C GLU A 106 -21.65 1.07 -19.61
N MET A 107 -22.82 1.38 -19.03
CA MET A 107 -23.84 2.11 -19.76
C MET A 107 -23.34 3.48 -20.17
N GLU A 108 -22.74 4.21 -19.23
CA GLU A 108 -22.19 5.52 -19.58
C GLU A 108 -21.15 5.37 -20.67
N ILE A 109 -20.35 4.31 -20.59
CA ILE A 109 -19.29 4.07 -21.56
C ILE A 109 -19.87 3.87 -22.95
N GLU A 110 -20.86 2.98 -23.07
CA GLU A 110 -21.44 2.72 -24.38
C GLU A 110 -22.22 3.92 -24.91
N ALA A 111 -22.83 4.70 -24.01
CA ALA A 111 -23.56 5.88 -24.46
C ALA A 111 -22.60 6.93 -24.99
N THR A 112 -21.45 7.08 -24.36
CA THR A 112 -20.44 8.02 -24.83
C THR A 112 -19.69 7.49 -26.05
N ASN A 113 -19.67 6.17 -26.27
CA ASN A 113 -18.94 5.64 -27.40
C ASN A 113 -19.68 5.87 -28.72
N GLY A 114 -21.01 5.80 -28.68
CA GLY A 114 -21.78 6.01 -29.89
C GLY A 114 -21.66 4.85 -30.86
N ALA A 115 -21.84 5.16 -32.14
CA ALA A 115 -21.75 4.14 -33.18
C ALA A 115 -20.30 3.74 -33.43
N VAL A 116 -20.04 2.43 -33.34
CA VAL A 116 -18.69 1.91 -33.55
C VAL A 116 -18.62 1.36 -34.98
N PRO A 117 -17.50 1.54 -35.69
CA PRO A 117 -17.37 0.93 -37.01
C PRO A 117 -17.36 -0.58 -36.92
N GLN A 118 -18.04 -1.22 -37.87
CA GLN A 118 -18.15 -2.67 -37.86
C GLN A 118 -16.85 -3.31 -38.30
N GLY A 119 -16.57 -4.49 -37.75
CA GLY A 119 -15.33 -5.20 -38.00
C GLY A 119 -14.12 -4.64 -37.30
N GLN A 120 -14.26 -3.51 -36.61
CA GLN A 120 -13.15 -2.88 -35.90
C GLN A 120 -13.43 -2.95 -34.40
N ARG A 121 -12.44 -3.37 -33.63
CA ARG A 121 -12.58 -3.44 -32.19
C ARG A 121 -12.82 -2.03 -31.64
N PRO A 122 -13.76 -1.86 -30.72
CA PRO A 122 -14.05 -0.54 -30.20
C PRO A 122 -12.81 0.09 -29.57
N PRO A 123 -12.68 1.40 -29.61
CA PRO A 123 -11.48 2.04 -29.09
C PRO A 123 -11.36 1.78 -27.60
N PRO A 124 -10.14 1.79 -27.07
CA PRO A 124 -9.95 1.48 -25.64
C PRO A 124 -10.66 2.50 -24.76
N ARG A 125 -11.37 2.00 -23.75
CA ARG A 125 -12.10 2.86 -22.84
C ARG A 125 -11.11 3.64 -21.99
N ILE A 126 -10.97 4.94 -22.29
CA ILE A 126 -9.97 5.78 -21.65
C ILE A 126 -10.64 7.05 -21.16
N LYS A 127 -10.48 7.34 -19.87
CA LYS A 127 -10.97 8.58 -19.27
C LYS A 127 -9.79 9.50 -19.00
N ASN A 128 -9.95 10.78 -19.33
CA ASN A 128 -8.88 11.77 -19.18
C ASN A 128 -9.24 12.77 -18.11
N PHE A 129 -8.32 12.98 -17.17
CA PHE A 129 -8.45 13.87 -16.03
C PHE A 129 -7.35 14.93 -16.06
N GLN A 130 -7.53 15.93 -15.20
CA GLN A 130 -6.60 17.06 -15.05
C GLN A 130 -6.04 17.03 -13.64
N ILE A 131 -4.86 16.46 -13.47
CA ILE A 131 -4.20 16.38 -12.18
C ILE A 131 -3.02 17.32 -12.21
N ASN A 132 -3.09 18.39 -11.41
CA ASN A 132 -1.99 19.34 -11.24
C ASN A 132 -1.51 19.91 -12.58
N ASN A 133 -2.45 20.42 -13.36
CA ASN A 133 -2.16 20.93 -14.70
C ASN A 133 -1.38 19.89 -15.50
N GLN A 134 -2.01 18.73 -15.67
CA GLN A 134 -1.43 17.66 -16.46
C GLN A 134 -2.54 16.76 -16.95
N ILE A 135 -2.36 16.23 -18.16
CA ILE A 135 -3.33 15.33 -18.77
C ILE A 135 -2.99 13.93 -18.31
N VAL A 136 -3.88 13.31 -17.54
CA VAL A 136 -3.68 11.95 -17.05
C VAL A 136 -4.82 11.08 -17.55
N LYS A 137 -4.49 9.95 -18.15
CA LYS A 137 -5.49 9.09 -18.75
C LYS A 137 -5.60 7.79 -17.96
N LEU A 138 -6.77 7.55 -17.38
CA LEU A 138 -7.03 6.26 -16.74
C LEU A 138 -7.29 5.20 -17.80
N LYS A 139 -7.43 3.97 -17.35
CA LYS A 139 -7.67 2.85 -18.26
C LYS A 139 -8.69 1.90 -17.64
N TYR A 140 -9.55 1.35 -18.49
CA TYR A 140 -10.57 0.42 -18.04
C TYR A 140 -9.95 -0.92 -17.66
N CYS A 141 -10.54 -1.57 -16.68
CA CYS A 141 -10.13 -2.91 -16.27
C CYS A 141 -11.33 -3.84 -16.49
N TYR A 142 -11.21 -4.72 -17.49
CA TYR A 142 -12.35 -5.54 -17.88
C TYR A 142 -12.68 -6.63 -16.86
N THR A 143 -11.86 -6.80 -15.82
CA THR A 143 -12.12 -7.77 -14.78
C THR A 143 -12.79 -7.13 -13.57
N CYS A 144 -12.17 -6.10 -12.99
CA CYS A 144 -12.75 -5.42 -11.85
C CYS A 144 -13.94 -4.55 -12.24
N LYS A 145 -14.12 -4.30 -13.54
CA LYS A 145 -15.26 -3.53 -14.05
C LYS A 145 -15.29 -2.12 -13.46
N ILE A 146 -14.11 -1.52 -13.29
CA ILE A 146 -13.98 -0.15 -12.83
C ILE A 146 -12.95 0.56 -13.70
N PHE A 147 -12.83 1.86 -13.47
CA PHE A 147 -11.73 2.63 -14.02
C PHE A 147 -10.62 2.68 -12.99
N ARG A 148 -9.44 2.22 -13.37
CA ARG A 148 -8.31 2.22 -12.44
C ARG A 148 -8.08 3.62 -11.91
N PRO A 149 -8.15 3.84 -10.61
CA PRO A 149 -7.78 5.14 -10.06
C PRO A 149 -6.34 5.46 -10.38
N PRO A 150 -5.95 6.73 -10.37
CA PRO A 150 -4.58 7.08 -10.74
C PRO A 150 -3.56 6.29 -9.91
N ARG A 151 -2.49 5.89 -10.59
CA ARG A 151 -1.37 5.15 -10.00
C ARG A 151 -1.70 3.69 -9.72
N ALA A 152 -2.95 3.28 -9.91
CA ALA A 152 -3.32 1.89 -9.66
C ALA A 152 -2.95 1.01 -10.85
N SER A 153 -2.87 -0.29 -10.60
CA SER A 153 -2.63 -1.21 -11.70
C SER A 153 -3.18 -2.58 -11.34
N HIS A 154 -2.95 -3.54 -12.22
CA HIS A 154 -3.52 -4.87 -12.13
C HIS A 154 -2.40 -5.89 -12.04
N CYS A 155 -2.35 -6.62 -10.93
CA CYS A 155 -1.36 -7.68 -10.76
C CYS A 155 -1.89 -8.94 -11.41
N SER A 156 -1.26 -9.36 -12.51
CA SER A 156 -1.76 -10.51 -13.26
C SER A 156 -1.67 -11.80 -12.46
N ILE A 157 -0.80 -11.87 -11.46
CA ILE A 157 -0.71 -13.07 -10.63
C ILE A 157 -1.81 -13.09 -9.59
N CYS A 158 -1.87 -12.06 -8.75
CA CYS A 158 -2.86 -12.03 -7.67
C CYS A 158 -4.26 -11.82 -8.21
N ASP A 159 -4.39 -11.15 -9.35
CA ASP A 159 -5.69 -10.84 -9.95
C ASP A 159 -6.56 -10.01 -9.00
N ASN A 160 -6.06 -8.81 -8.70
CA ASN A 160 -6.86 -7.79 -8.02
C ASN A 160 -6.12 -6.47 -8.16
N CYS A 161 -6.85 -5.42 -8.49
CA CYS A 161 -6.25 -4.13 -8.81
C CYS A 161 -5.64 -3.53 -7.56
N VAL A 162 -4.32 -3.43 -7.53
CA VAL A 162 -3.63 -2.85 -6.39
C VAL A 162 -3.50 -1.35 -6.60
N GLU A 163 -3.65 -0.60 -5.51
CA GLU A 163 -3.60 0.85 -5.54
C GLU A 163 -2.17 1.33 -5.31
N ARG A 164 -1.71 2.24 -6.18
CA ARG A 164 -0.31 2.64 -6.23
C ARG A 164 0.58 1.39 -6.35
N PHE A 165 0.34 0.66 -7.43
CA PHE A 165 1.02 -0.60 -7.64
C PHE A 165 2.50 -0.38 -7.90
N ASP A 166 3.33 -1.26 -7.34
CA ASP A 166 4.76 -1.21 -7.59
C ASP A 166 5.27 -2.44 -8.34
N HIS A 167 5.08 -3.63 -7.79
CA HIS A 167 5.47 -4.88 -8.42
C HIS A 167 5.04 -6.01 -7.51
N HIS A 168 5.03 -7.22 -8.05
CA HIS A 168 4.67 -8.40 -7.26
C HIS A 168 5.96 -9.09 -6.85
N CYS A 169 6.57 -8.56 -5.81
CA CYS A 169 7.84 -9.11 -5.33
C CYS A 169 7.57 -10.44 -4.63
N PRO A 170 8.02 -11.57 -5.16
CA PRO A 170 7.73 -12.85 -4.50
C PRO A 170 8.62 -13.13 -3.31
N TRP A 171 9.82 -12.54 -3.26
CA TRP A 171 10.73 -12.79 -2.14
C TRP A 171 10.14 -12.36 -0.81
N VAL A 172 9.15 -11.46 -0.82
CA VAL A 172 8.39 -11.14 0.39
C VAL A 172 7.03 -11.81 0.42
N GLY A 173 6.59 -12.38 -0.71
CA GLY A 173 5.39 -13.19 -0.70
C GLY A 173 4.08 -12.44 -0.80
N ASN A 174 4.11 -11.21 -1.30
CA ASN A 174 2.92 -10.39 -1.34
C ASN A 174 3.16 -9.24 -2.30
N CYS A 175 2.08 -8.70 -2.84
CA CYS A 175 2.21 -7.52 -3.67
C CYS A 175 2.79 -6.37 -2.85
N VAL A 176 3.13 -5.28 -3.54
CA VAL A 176 3.68 -4.11 -2.89
C VAL A 176 2.97 -2.90 -3.49
N GLY A 177 2.03 -2.34 -2.75
CA GLY A 177 1.24 -1.25 -3.27
C GLY A 177 1.42 0.04 -2.51
N LYS A 178 0.35 0.51 -1.87
CA LYS A 178 0.39 1.75 -1.13
C LYS A 178 0.44 1.55 0.37
N ARG A 179 -0.35 0.61 0.90
CA ARG A 179 -0.41 0.44 2.34
C ARG A 179 0.81 -0.24 2.91
N ASN A 180 1.64 -0.87 2.08
CA ASN A 180 2.81 -1.58 2.59
C ASN A 180 4.01 -1.33 1.68
N TYR A 181 4.21 -0.09 1.27
CA TYR A 181 5.45 0.25 0.59
C TYR A 181 6.47 0.88 1.51
N ARG A 182 6.04 1.66 2.51
CA ARG A 182 6.98 2.15 3.49
C ARG A 182 7.60 1.00 4.26
N TYR A 183 6.80 -0.02 4.59
CA TYR A 183 7.36 -1.15 5.32
C TYR A 183 8.31 -1.95 4.44
N PHE A 184 8.00 -2.10 3.16
CA PHE A 184 8.91 -2.81 2.27
C PHE A 184 10.21 -2.06 2.09
N TYR A 185 10.14 -0.74 1.93
CA TYR A 185 11.37 0.03 1.80
C TYR A 185 12.20 -0.03 3.08
N LEU A 186 11.56 0.05 4.24
CA LEU A 186 12.31 -0.01 5.47
C LEU A 186 12.87 -1.40 5.72
N PHE A 187 12.17 -2.45 5.30
CA PHE A 187 12.73 -3.79 5.40
C PHE A 187 13.95 -3.93 4.51
N ILE A 188 13.88 -3.42 3.28
CA ILE A 188 15.04 -3.50 2.40
C ILE A 188 16.21 -2.73 2.98
N LEU A 189 15.96 -1.53 3.50
CA LEU A 189 17.03 -0.72 4.05
C LEU A 189 17.64 -1.36 5.29
N SER A 190 16.80 -1.85 6.20
CA SER A 190 17.33 -2.47 7.41
C SER A 190 18.02 -3.78 7.09
N LEU A 191 17.59 -4.49 6.05
CA LEU A 191 18.28 -5.72 5.68
C LEU A 191 19.63 -5.42 5.05
N SER A 192 19.72 -4.35 4.27
CA SER A 192 21.03 -3.94 3.77
C SER A 192 21.95 -3.53 4.90
N LEU A 193 21.43 -2.80 5.88
CA LEU A 193 22.26 -2.42 7.02
C LEU A 193 22.69 -3.65 7.80
N LEU A 194 21.77 -4.57 8.06
CA LEU A 194 22.09 -5.77 8.83
C LEU A 194 23.08 -6.64 8.09
N THR A 195 22.97 -6.71 6.76
CA THR A 195 23.92 -7.49 5.99
C THR A 195 25.31 -6.88 6.05
N ILE A 196 25.42 -5.56 5.85
CA ILE A 196 26.72 -4.92 5.95
C ILE A 196 27.29 -5.13 7.35
N TYR A 197 26.43 -5.11 8.36
CA TYR A 197 26.87 -5.24 9.74
C TYR A 197 27.40 -6.64 10.01
N VAL A 198 26.61 -7.66 9.68
CA VAL A 198 27.03 -9.05 9.90
C VAL A 198 28.30 -9.35 9.11
N PHE A 199 28.41 -8.81 7.91
CA PHE A 199 29.60 -9.08 7.11
C PHE A 199 30.83 -8.44 7.74
N ALA A 200 30.75 -7.16 8.09
CA ALA A 200 31.91 -6.49 8.69
C ALA A 200 32.31 -7.16 9.99
N PHE A 201 31.34 -7.55 10.82
CA PHE A 201 31.71 -8.12 12.10
C PHE A 201 32.16 -9.56 11.99
N ASN A 202 31.70 -10.31 10.97
CA ASN A 202 32.28 -11.63 10.76
C ASN A 202 33.72 -11.53 10.29
N ILE A 203 34.01 -10.54 9.43
CA ILE A 203 35.40 -10.34 9.03
C ILE A 203 36.24 -9.95 10.23
N VAL A 204 35.69 -9.09 11.10
CA VAL A 204 36.41 -8.68 12.31
C VAL A 204 36.67 -9.88 13.20
N TYR A 205 35.68 -10.76 13.35
CA TYR A 205 35.85 -11.95 14.18
C TYR A 205 36.94 -12.85 13.62
N VAL A 206 36.92 -13.08 12.31
CA VAL A 206 37.94 -13.96 11.72
C VAL A 206 39.32 -13.37 11.90
N ALA A 207 39.47 -12.06 11.66
CA ALA A 207 40.79 -11.45 11.82
C ALA A 207 41.24 -11.52 13.28
N LEU A 208 40.36 -11.16 14.21
CA LEU A 208 40.74 -11.09 15.62
C LEU A 208 41.01 -12.47 16.20
N LYS A 209 40.39 -13.52 15.66
CA LYS A 209 40.62 -14.86 16.18
C LYS A 209 41.76 -15.58 15.46
N SER A 210 42.04 -15.22 14.21
CA SER A 210 43.17 -15.80 13.51
C SER A 210 44.48 -15.19 13.99
N LEU A 211 44.44 -13.95 14.47
CA LEU A 211 45.62 -13.34 15.08
C LEU A 211 46.04 -14.06 16.35
N LYS A 212 45.15 -14.86 16.93
CA LYS A 212 45.42 -15.60 18.16
C LYS A 212 45.64 -17.09 17.94
N ILE A 213 44.87 -17.70 17.04
CA ILE A 213 44.94 -19.14 16.82
C ILE A 213 45.48 -19.52 15.45
N GLY A 214 45.23 -18.70 14.43
CA GLY A 214 45.61 -19.02 13.07
C GLY A 214 44.38 -19.18 12.18
N PHE A 215 44.66 -19.33 10.89
CA PHE A 215 43.59 -19.38 9.90
C PHE A 215 42.99 -20.76 9.77
N LEU A 216 43.83 -21.78 9.59
CA LEU A 216 43.33 -23.13 9.36
C LEU A 216 42.52 -23.62 10.55
N GLU A 217 43.01 -23.37 11.76
CA GLU A 217 42.29 -23.85 12.94
C GLU A 217 41.02 -23.05 13.16
N THR A 218 41.03 -21.75 12.87
CA THR A 218 39.80 -20.97 12.96
C THR A 218 38.73 -21.50 12.02
N LEU A 219 39.13 -21.81 10.79
CA LEU A 219 38.19 -22.35 9.82
C LEU A 219 37.70 -23.73 10.23
N LYS A 220 38.60 -24.57 10.71
CA LYS A 220 38.22 -25.90 11.16
C LYS A 220 37.37 -25.86 12.42
N GLU A 221 37.41 -24.76 13.17
CA GLU A 221 36.53 -24.64 14.33
C GLU A 221 35.07 -24.56 13.92
N THR A 222 34.70 -23.55 13.14
CA THR A 222 33.33 -23.41 12.63
C THR A 222 33.36 -22.99 11.17
N PRO A 223 32.77 -23.79 10.29
CA PRO A 223 32.54 -23.33 8.92
C PRO A 223 31.40 -22.35 8.79
N GLY A 224 30.66 -22.12 9.88
CA GLY A 224 29.60 -21.12 9.84
C GLY A 224 30.08 -19.76 9.38
N THR A 225 31.36 -19.46 9.60
CA THR A 225 31.87 -18.15 9.19
C THR A 225 31.92 -18.02 7.67
N VAL A 226 32.44 -19.03 6.97
CA VAL A 226 32.48 -18.92 5.52
C VAL A 226 31.09 -19.04 4.93
N LEU A 227 30.22 -19.82 5.57
CA LEU A 227 28.83 -19.87 5.13
C LEU A 227 28.20 -18.49 5.19
N GLU A 228 28.32 -17.82 6.34
CA GLU A 228 27.77 -16.48 6.48
C GLU A 228 28.46 -15.48 5.57
N VAL A 229 29.76 -15.67 5.30
CA VAL A 229 30.45 -14.76 4.40
C VAL A 229 29.89 -14.88 3.00
N LEU A 230 29.68 -16.10 2.52
CA LEU A 230 29.09 -16.28 1.19
C LEU A 230 27.68 -15.72 1.14
N ILE A 231 26.85 -16.06 2.12
CA ILE A 231 25.47 -15.61 2.14
C ILE A 231 25.41 -14.09 2.15
N CYS A 232 26.19 -13.46 3.04
CA CYS A 232 26.16 -12.02 3.14
C CYS A 232 26.75 -11.35 1.91
N PHE A 233 27.76 -11.95 1.29
CA PHE A 233 28.33 -11.36 0.09
C PHE A 233 27.30 -11.30 -1.03
N PHE A 234 26.61 -12.41 -1.27
CA PHE A 234 25.62 -12.39 -2.36
C PHE A 234 24.40 -11.54 -1.99
N THR A 235 23.94 -11.65 -0.75
CA THR A 235 22.80 -10.85 -0.31
C THR A 235 23.10 -9.37 -0.41
N LEU A 236 24.33 -8.96 -0.09
CA LEU A 236 24.72 -7.58 -0.29
C LEU A 236 24.73 -7.23 -1.77
N TRP A 237 25.42 -8.04 -2.58
CA TRP A 237 25.54 -7.76 -4.00
C TRP A 237 24.19 -7.60 -4.70
N SER A 238 23.12 -8.14 -4.12
CA SER A 238 21.79 -7.90 -4.68
C SER A 238 21.04 -6.78 -3.97
N VAL A 239 20.90 -6.88 -2.64
CA VAL A 239 20.03 -5.98 -1.90
C VAL A 239 20.56 -4.55 -1.90
N VAL A 240 21.88 -4.35 -1.96
CA VAL A 240 22.39 -2.99 -1.97
C VAL A 240 22.00 -2.27 -3.25
N GLY A 241 22.15 -2.96 -4.40
CA GLY A 241 21.67 -2.39 -5.64
C GLY A 241 20.18 -2.13 -5.62
N LEU A 242 19.42 -3.05 -5.01
CA LEU A 242 17.98 -2.85 -4.91
C LEU A 242 17.65 -1.58 -4.11
N THR A 243 18.27 -1.42 -2.95
CA THR A 243 17.96 -0.26 -2.12
C THR A 243 18.44 1.03 -2.76
N GLY A 244 19.52 0.96 -3.55
CA GLY A 244 19.92 2.14 -4.29
C GLY A 244 18.90 2.51 -5.35
N PHE A 245 18.30 1.50 -5.98
CA PHE A 245 17.24 1.78 -6.94
C PHE A 245 16.01 2.36 -6.27
N HIS A 246 15.66 1.88 -5.08
CA HIS A 246 14.43 2.33 -4.44
C HIS A 246 14.58 3.69 -3.78
N THR A 247 15.75 4.02 -3.25
CA THR A 247 15.95 5.33 -2.65
C THR A 247 15.88 6.46 -3.67
N PHE A 248 15.86 6.13 -4.97
CA PHE A 248 15.63 7.13 -5.99
C PHE A 248 14.23 7.09 -6.57
N LEU A 249 13.41 6.12 -6.17
CA LEU A 249 12.00 6.11 -6.53
C LEU A 249 11.11 6.50 -5.36
N VAL A 250 11.64 6.48 -4.12
CA VAL A 250 10.92 7.05 -2.99
C VAL A 250 11.22 8.52 -2.84
N ALA A 251 12.11 9.08 -3.65
CA ALA A 251 12.44 10.49 -3.60
C ALA A 251 11.80 11.28 -4.74
N LEU A 252 11.86 10.78 -5.96
CA LEU A 252 11.12 11.43 -7.04
C LEU A 252 9.64 11.13 -6.99
N ASN A 253 9.19 10.33 -6.02
CA ASN A 253 7.78 9.92 -5.90
C ASN A 253 7.29 9.27 -7.19
N GLN A 254 7.90 8.14 -7.52
CA GLN A 254 7.49 7.33 -8.65
C GLN A 254 7.29 5.90 -8.18
N THR A 255 6.78 5.06 -9.08
CA THR A 255 6.56 3.65 -8.79
C THR A 255 7.27 2.80 -9.83
N THR A 256 7.73 1.63 -9.40
CA THR A 256 8.44 0.73 -10.31
C THR A 256 7.63 0.48 -11.56
N ASN A 257 6.31 0.33 -11.41
CA ASN A 257 5.45 0.10 -12.57
C ASN A 257 5.49 1.27 -13.54
N GLU A 258 5.75 2.47 -13.06
CA GLU A 258 5.84 3.62 -13.96
C GLU A 258 7.24 3.75 -14.55
N ASP A 259 8.26 3.46 -13.75
CA ASP A 259 9.63 3.52 -14.26
C ASP A 259 9.85 2.49 -15.36
N ILE A 260 9.24 1.31 -15.21
CA ILE A 260 9.33 0.29 -16.25
C ILE A 260 8.76 0.82 -17.55
N LYS A 261 7.61 1.50 -17.50
CA LYS A 261 7.02 2.09 -18.68
C LYS A 261 7.85 3.23 -19.25
N GLY A 262 8.80 3.76 -18.48
CA GLY A 262 9.62 4.86 -18.96
C GLY A 262 8.82 6.09 -19.31
N SER A 263 7.82 6.43 -18.49
CA SER A 263 6.96 7.56 -18.80
C SER A 263 7.65 8.88 -18.47
N TRP A 264 7.99 9.08 -17.19
CA TRP A 264 8.63 10.32 -16.78
C TRP A 264 10.13 10.32 -17.04
N THR A 265 10.74 9.16 -17.20
CA THR A 265 12.17 9.04 -17.48
C THR A 265 12.31 8.54 -18.92
N GLY A 266 12.30 9.47 -19.86
CA GLY A 266 12.39 9.12 -21.26
C GLY A 266 12.55 10.33 -22.16
N LYS A 267 11.80 10.33 -23.27
CA LYS A 267 11.89 11.44 -24.23
C LYS A 267 11.18 12.69 -23.73
N ASN A 268 10.09 12.54 -22.95
CA ASN A 268 9.30 13.69 -22.56
C ASN A 268 9.87 14.39 -21.34
N ARG A 269 10.18 13.64 -20.28
CA ARG A 269 10.64 14.18 -19.01
C ARG A 269 9.66 15.20 -18.44
N VAL A 270 8.38 15.10 -18.83
CA VAL A 270 7.38 16.02 -18.29
C VAL A 270 7.09 15.66 -16.84
N GLN A 271 6.71 16.66 -16.06
CA GLN A 271 6.55 16.48 -14.62
C GLN A 271 5.50 15.41 -14.33
N ASN A 272 5.83 14.51 -13.41
CA ASN A 272 4.83 13.57 -12.92
C ASN A 272 3.90 14.33 -11.98
N PRO A 273 2.61 14.40 -12.28
CA PRO A 273 1.72 15.28 -11.50
C PRO A 273 1.61 14.88 -10.04
N TYR A 274 2.00 13.66 -9.67
CA TYR A 274 1.88 13.20 -8.29
C TYR A 274 3.06 13.59 -7.42
N SER A 275 4.04 14.31 -7.97
CA SER A 275 5.24 14.69 -7.24
C SER A 275 5.01 16.01 -6.51
N HIS A 276 6.08 16.58 -5.97
CA HIS A 276 6.03 17.86 -5.28
C HIS A 276 7.16 18.81 -5.67
N GLY A 277 8.02 18.42 -6.60
CA GLY A 277 9.12 19.28 -6.99
C GLY A 277 10.23 19.39 -5.98
N ASN A 278 10.31 18.45 -5.04
CA ASN A 278 11.30 18.45 -3.97
C ASN A 278 11.70 17.02 -3.70
N ILE A 279 12.58 16.83 -2.72
CA ILE A 279 12.98 15.47 -2.34
C ILE A 279 12.64 15.24 -0.87
N VAL A 280 12.64 16.31 -0.08
CA VAL A 280 12.35 16.15 1.34
C VAL A 280 10.86 15.93 1.55
N LYS A 281 10.02 16.79 0.94
CA LYS A 281 8.58 16.60 1.07
C LYS A 281 8.13 15.29 0.43
N ASN A 282 8.78 14.89 -0.66
CA ASN A 282 8.43 13.61 -1.27
C ASN A 282 8.75 12.44 -0.35
N CYS A 283 9.97 12.41 0.18
CA CYS A 283 10.35 11.35 1.12
C CYS A 283 9.40 11.32 2.30
N CYS A 284 9.01 12.50 2.79
CA CYS A 284 8.10 12.53 3.94
C CYS A 284 6.71 12.02 3.57
N GLU A 285 6.22 12.37 2.39
CA GLU A 285 4.88 11.96 1.99
C GLU A 285 4.82 10.46 1.71
N VAL A 286 5.90 9.89 1.19
CA VAL A 286 5.85 8.46 0.85
C VAL A 286 6.16 7.61 2.06
N LEU A 287 7.10 8.03 2.90
CA LEU A 287 7.51 7.21 4.04
C LEU A 287 6.66 7.47 5.27
N CYS A 288 6.57 8.72 5.72
CA CYS A 288 6.01 9.03 7.02
C CYS A 288 4.62 9.68 6.95
N GLY A 289 4.02 9.78 5.78
CA GLY A 289 2.70 10.34 5.65
C GLY A 289 1.62 9.44 6.22
N PRO A 290 0.35 9.79 5.99
CA PRO A 290 -0.75 8.96 6.48
C PRO A 290 -1.25 7.98 5.43
N LEU A 291 -1.61 6.78 5.88
CA LEU A 291 -2.04 5.73 4.98
C LEU A 291 -3.49 5.34 5.27
N PRO A 292 -4.25 5.00 4.23
CA PRO A 292 -5.64 4.59 4.45
C PRO A 292 -5.70 3.20 5.05
N PRO A 293 -6.83 2.83 5.66
CA PRO A 293 -6.95 1.47 6.19
C PRO A 293 -7.31 0.49 5.09
N SER A 294 -7.57 -0.76 5.44
CA SER A 294 -7.99 -1.73 4.43
C SER A 294 -9.38 -1.36 3.92
N VAL A 295 -9.48 -1.09 2.63
CA VAL A 295 -10.77 -0.65 2.08
C VAL A 295 -11.73 -1.82 1.91
N LEU A 296 -11.24 -3.04 1.83
CA LEU A 296 -12.09 -4.23 1.85
C LEU A 296 -11.95 -4.86 3.24
N ASP A 297 -13.03 -4.84 4.00
CA ASP A 297 -12.98 -5.46 5.32
C ASP A 297 -13.02 -6.97 5.15
N ARG A 298 -12.01 -7.66 5.68
CA ARG A 298 -11.98 -9.11 5.57
C ARG A 298 -12.56 -9.79 6.79
N ARG A 299 -12.35 -9.25 7.98
CA ARG A 299 -12.96 -9.78 9.17
C ARG A 299 -14.41 -9.34 9.33
N GLY A 300 -15.01 -8.79 8.28
CA GLY A 300 -16.41 -8.42 8.34
C GLY A 300 -17.32 -9.63 8.37
N ILE A 301 -18.57 -9.39 8.73
CA ILE A 301 -19.56 -10.43 8.91
C ILE A 301 -20.53 -10.39 7.74
N LEU A 302 -20.54 -11.44 6.94
CA LEU A 302 -21.50 -11.57 5.86
C LEU A 302 -22.82 -12.11 6.40
N PRO A 303 -23.94 -11.85 5.69
CA PRO A 303 -25.23 -12.42 6.09
C PRO A 303 -25.24 -13.94 6.06
N ALA B 13 -37.02 -0.93 1.10
CA ALA B 13 -37.55 0.13 0.25
C ALA B 13 -37.17 -0.09 -1.21
N PRO B 14 -38.10 0.15 -2.12
CA PRO B 14 -37.81 -0.04 -3.54
C PRO B 14 -36.93 1.08 -4.08
N VAL B 15 -36.20 0.77 -5.15
CA VAL B 15 -35.23 1.69 -5.74
C VAL B 15 -35.80 2.22 -7.05
N SER B 16 -35.52 3.49 -7.35
CA SER B 16 -35.92 4.11 -8.60
C SER B 16 -34.75 4.48 -9.49
N GLY B 17 -33.53 4.39 -9.00
CA GLY B 17 -32.34 4.74 -9.76
C GLY B 17 -31.23 5.17 -8.82
N LYS B 18 -30.00 4.91 -9.24
CA LYS B 18 -28.81 5.21 -8.45
C LYS B 18 -27.92 6.19 -9.19
N VAL B 19 -27.47 7.22 -8.49
CA VAL B 19 -26.47 8.13 -9.00
C VAL B 19 -25.23 8.00 -8.14
N PHE B 20 -24.09 8.40 -8.69
CA PHE B 20 -22.81 8.27 -8.02
C PHE B 20 -22.03 9.56 -8.14
N ILE B 21 -21.50 10.04 -7.01
CA ILE B 21 -20.67 11.23 -6.99
C ILE B 21 -19.23 10.76 -7.21
N GLN B 22 -18.77 10.90 -8.45
CA GLN B 22 -17.43 10.43 -8.80
C GLN B 22 -16.37 11.17 -8.00
N ARG B 23 -15.22 10.53 -7.84
CA ARG B 23 -14.11 11.13 -7.13
C ARG B 23 -13.53 12.28 -7.94
N ASP B 24 -12.78 13.14 -7.25
CA ASP B 24 -12.16 14.32 -7.85
C ASP B 24 -10.66 14.27 -7.61
N TYR B 25 -9.89 14.23 -8.70
CA TYR B 25 -8.44 14.18 -8.61
C TYR B 25 -7.80 15.50 -9.03
N SER B 26 -8.56 16.59 -9.05
CA SER B 26 -8.05 17.85 -9.59
C SER B 26 -6.94 18.41 -8.72
N SER B 27 -7.11 18.41 -7.40
CA SER B 27 -6.11 18.97 -6.51
C SER B 27 -4.97 18.00 -6.23
N GLY B 28 -5.20 16.71 -6.41
CA GLY B 28 -4.16 15.73 -6.14
C GLY B 28 -4.74 14.33 -6.11
N THR B 29 -3.91 13.40 -5.67
CA THR B 29 -4.30 12.00 -5.60
C THR B 29 -4.92 11.62 -4.27
N ARG B 30 -5.37 12.63 -3.55
CA ARG B 30 -5.95 12.45 -2.19
C ARG B 30 -7.46 12.44 -2.22
N CYS B 31 -8.06 11.75 -1.29
CA CYS B 31 -9.52 11.61 -1.30
C CYS B 31 -10.24 12.96 -1.26
N GLN B 32 -10.90 13.30 -2.36
CA GLN B 32 -11.69 14.53 -2.47
C GLN B 32 -12.78 14.27 -3.50
N PHE B 33 -14.03 14.52 -3.11
CA PHE B 33 -15.17 14.19 -3.95
C PHE B 33 -15.63 15.39 -4.75
N GLN B 34 -16.11 15.13 -5.97
CA GLN B 34 -16.58 16.20 -6.85
C GLN B 34 -17.78 16.91 -6.23
N THR B 35 -17.99 18.15 -6.68
CA THR B 35 -19.06 18.99 -6.17
C THR B 35 -20.13 19.25 -7.23
N LYS B 36 -20.16 18.47 -8.30
CA LYS B 36 -21.19 18.63 -9.31
C LYS B 36 -22.54 18.21 -8.76
N PHE B 37 -23.60 18.87 -9.25
CA PHE B 37 -24.94 18.56 -8.80
C PHE B 37 -25.60 17.60 -9.77
N PRO B 38 -26.14 16.47 -9.28
CA PRO B 38 -26.74 15.50 -10.19
C PRO B 38 -28.02 16.02 -10.83
N ALA B 39 -28.31 15.52 -12.02
CA ALA B 39 -29.53 15.92 -12.71
C ALA B 39 -30.75 15.22 -12.11
N GLU B 40 -30.61 13.95 -11.72
CA GLU B 40 -31.71 13.22 -11.12
C GLU B 40 -32.03 13.71 -9.71
N LEU B 41 -31.06 14.31 -9.02
CA LEU B 41 -31.31 14.85 -7.71
C LEU B 41 -32.17 16.10 -7.74
N GLU B 42 -32.45 16.64 -8.92
CA GLU B 42 -33.28 17.83 -9.01
C GLU B 42 -34.71 17.51 -8.60
N ASN B 43 -35.35 18.49 -7.96
CA ASN B 43 -36.71 18.41 -7.42
C ASN B 43 -36.82 17.44 -6.25
N ARG B 44 -35.73 16.82 -5.82
CA ARG B 44 -35.75 15.92 -4.67
C ARG B 44 -35.09 16.49 -3.43
N ILE B 45 -34.10 17.37 -3.60
CA ILE B 45 -33.45 18.02 -2.47
C ILE B 45 -32.74 19.27 -3.00
N ASP B 46 -32.81 20.35 -2.21
CA ASP B 46 -32.21 21.60 -2.62
C ASP B 46 -30.69 21.46 -2.70
N ARG B 47 -30.09 22.12 -3.70
CA ARG B 47 -28.67 21.97 -3.95
C ARG B 47 -27.81 22.47 -2.79
N GLN B 48 -28.36 23.31 -1.92
CA GLN B 48 -27.54 23.90 -0.86
C GLN B 48 -27.07 22.85 0.13
N GLN B 49 -27.99 22.04 0.66
CA GLN B 49 -27.60 21.04 1.64
C GLN B 49 -26.74 19.95 1.01
N PHE B 50 -26.97 19.63 -0.26
CA PHE B 50 -26.11 18.68 -0.95
C PHE B 50 -24.69 19.20 -1.07
N GLU B 51 -24.55 20.46 -1.52
CA GLU B 51 -23.23 21.08 -1.59
C GLU B 51 -22.58 21.13 -0.21
N GLU B 52 -23.37 21.42 0.83
CA GLU B 52 -22.82 21.43 2.17
C GLU B 52 -22.30 20.05 2.56
N THR B 53 -23.09 19.01 2.34
CA THR B 53 -22.69 17.67 2.73
C THR B 53 -21.40 17.27 2.01
N VAL B 54 -21.33 17.55 0.71
CA VAL B 54 -20.12 17.23 -0.04
C VAL B 54 -18.94 18.04 0.49
N ARG B 55 -19.18 19.30 0.87
CA ARG B 55 -18.09 20.13 1.36
C ARG B 55 -17.59 19.65 2.71
N THR B 56 -18.51 19.22 3.58
CA THR B 56 -18.11 18.69 4.87
C THR B 56 -17.32 17.40 4.71
N LEU B 57 -17.76 16.51 3.82
CA LEU B 57 -17.01 15.31 3.56
C LEU B 57 -15.63 15.63 2.99
N ASN B 58 -15.56 16.62 2.10
CA ASN B 58 -14.27 17.02 1.55
C ASN B 58 -13.35 17.55 2.64
N ASN B 59 -13.88 18.36 3.56
CA ASN B 59 -13.04 18.89 4.63
C ASN B 59 -12.58 17.78 5.57
N LEU B 60 -13.45 16.82 5.86
CA LEU B 60 -13.05 15.71 6.72
C LEU B 60 -11.95 14.88 6.08
N TYR B 61 -12.15 14.50 4.81
CA TYR B 61 -11.12 13.73 4.13
C TYR B 61 -9.85 14.54 3.90
N ALA B 62 -9.94 15.87 3.91
CA ALA B 62 -8.75 16.69 3.87
C ALA B 62 -8.01 16.65 5.21
N GLU B 63 -8.77 16.70 6.30
CA GLU B 63 -8.17 16.52 7.62
C GLU B 63 -7.53 15.15 7.75
N ALA B 64 -8.05 14.16 7.01
CA ALA B 64 -7.45 12.83 7.00
C ALA B 64 -6.08 12.85 6.35
N GLU B 65 -6.02 13.23 5.08
CA GLU B 65 -4.78 13.20 4.32
C GLU B 65 -3.95 14.46 4.47
N LYS B 66 -4.17 15.25 5.52
CA LYS B 66 -3.44 16.51 5.66
C LYS B 66 -2.03 16.24 6.14
N LEU B 67 -1.05 16.60 5.31
CA LEU B 67 0.34 16.52 5.70
C LEU B 67 0.70 17.68 6.62
N GLY B 68 1.87 17.58 7.23
CA GLY B 68 2.32 18.66 8.09
C GLY B 68 3.19 18.20 9.24
N GLY B 69 2.83 18.58 10.46
CA GLY B 69 3.62 18.25 11.62
C GLY B 69 3.10 17.05 12.37
N GLN B 70 1.78 17.01 12.59
CA GLN B 70 1.20 15.91 13.36
C GLN B 70 1.41 14.58 12.65
N SER B 71 1.18 14.55 11.34
CA SER B 71 1.32 13.30 10.59
C SER B 71 2.75 12.79 10.65
N TYR B 72 3.72 13.66 10.42
CA TYR B 72 5.11 13.22 10.39
C TYR B 72 5.58 12.83 11.78
N LEU B 73 5.13 13.54 12.81
CA LEU B 73 5.48 13.17 14.17
C LEU B 73 4.94 11.79 14.52
N GLU B 74 3.68 11.52 14.17
CA GLU B 74 3.11 10.21 14.45
C GLU B 74 3.83 9.12 13.66
N GLY B 75 4.18 9.41 12.40
CA GLY B 75 4.93 8.44 11.62
C GLY B 75 6.25 8.09 12.25
N CYS B 76 7.01 9.10 12.69
CA CYS B 76 8.31 8.84 13.29
C CYS B 76 8.16 8.13 14.64
N LEU B 77 7.14 8.49 15.41
CA LEU B 77 6.88 7.80 16.67
C LEU B 77 6.55 6.33 16.43
N ALA B 78 5.89 6.02 15.32
CA ALA B 78 5.62 4.62 15.01
C ALA B 78 6.88 3.91 14.52
N CYS B 79 7.68 4.58 13.70
CA CYS B 79 8.93 3.97 13.22
C CYS B 79 9.92 3.74 14.35
N LEU B 80 9.79 4.49 15.45
CA LEU B 80 10.64 4.25 16.61
C LEU B 80 10.31 2.95 17.33
N THR B 81 9.22 2.28 16.97
CA THR B 81 8.80 1.04 17.60
C THR B 81 8.62 -0.07 16.57
N ALA B 82 9.35 0.04 15.44
CA ALA B 82 9.33 -0.97 14.38
C ALA B 82 7.92 -1.23 13.88
N TYR B 83 7.06 -0.21 13.94
CA TYR B 83 5.69 -0.31 13.49
C TYR B 83 4.93 -1.42 14.20
N THR B 84 5.29 -1.67 15.45
CA THR B 84 4.55 -2.62 16.29
C THR B 84 3.51 -1.92 17.14
N ILE B 85 3.41 -0.60 17.07
CA ILE B 85 2.43 0.11 17.87
C ILE B 85 1.07 0.14 17.20
N PHE B 86 1.01 -0.13 15.90
CA PHE B 86 -0.27 -0.17 15.20
C PHE B 86 -1.06 -1.44 15.49
N LEU B 87 -0.53 -2.34 16.33
CA LEU B 87 -1.31 -3.49 16.77
C LEU B 87 -2.25 -3.13 17.92
N CYS B 88 -1.99 -2.04 18.61
CA CYS B 88 -2.81 -1.61 19.74
C CYS B 88 -3.46 -0.25 19.55
N MET B 89 -2.86 0.64 18.78
CA MET B 89 -3.38 1.99 18.62
C MET B 89 -4.03 2.17 17.26
N GLU B 90 -5.12 2.95 17.23
CA GLU B 90 -5.83 3.24 16.00
C GLU B 90 -5.22 4.47 15.33
N THR B 91 -4.86 4.32 14.06
CA THR B 91 -4.15 5.38 13.37
C THR B 91 -5.05 6.60 13.17
N HIS B 92 -4.46 7.66 12.64
CA HIS B 92 -5.18 8.91 12.44
C HIS B 92 -6.30 8.75 11.43
N TYR B 93 -5.99 8.11 10.30
CA TYR B 93 -6.96 7.98 9.22
C TYR B 93 -8.22 7.25 9.70
N GLU B 94 -8.06 6.22 10.53
CA GLU B 94 -9.24 5.58 11.08
C GLU B 94 -9.92 6.47 12.11
N LYS B 95 -9.14 7.23 12.87
CA LYS B 95 -9.69 8.13 13.86
C LYS B 95 -10.46 9.30 13.25
N VAL B 96 -10.33 9.51 11.94
CA VAL B 96 -11.17 10.46 11.25
C VAL B 96 -12.22 9.78 10.38
N LEU B 97 -11.97 8.54 9.93
CA LEU B 97 -13.03 7.79 9.25
C LEU B 97 -14.18 7.50 10.19
N LYS B 98 -13.90 7.35 11.48
CA LYS B 98 -14.98 7.21 12.46
C LYS B 98 -15.86 8.45 12.47
N LYS B 99 -15.25 9.63 12.49
CA LYS B 99 -16.02 10.88 12.43
C LYS B 99 -16.79 10.99 11.12
N VAL B 100 -16.18 10.57 10.02
CA VAL B 100 -16.85 10.61 8.72
C VAL B 100 -18.09 9.74 8.75
N SER B 101 -17.96 8.52 9.27
CA SER B 101 -19.11 7.62 9.32
C SER B 101 -20.20 8.18 10.22
N LYS B 102 -19.81 8.70 11.39
CA LYS B 102 -20.81 9.26 12.30
C LYS B 102 -21.55 10.43 11.66
N TYR B 103 -20.80 11.33 11.02
CA TYR B 103 -21.42 12.48 10.37
C TYR B 103 -22.34 12.04 9.25
N ILE B 104 -21.94 11.03 8.48
CA ILE B 104 -22.78 10.59 7.38
C ILE B 104 -24.08 9.99 7.90
N GLN B 105 -24.00 9.15 8.94
CA GLN B 105 -25.23 8.53 9.42
C GLN B 105 -26.15 9.56 10.08
N GLU B 106 -25.58 10.53 10.81
CA GLU B 106 -26.43 11.53 11.43
C GLU B 106 -27.06 12.45 10.38
N GLN B 107 -26.30 12.83 9.35
CA GLN B 107 -26.86 13.66 8.30
C GLN B 107 -27.93 12.92 7.53
N ASN B 108 -27.73 11.62 7.29
CA ASN B 108 -28.74 10.80 6.66
C ASN B 108 -30.01 10.79 7.49
N GLU B 109 -29.91 10.33 8.74
CA GLU B 109 -31.11 10.22 9.58
C GLU B 109 -31.77 11.57 9.79
N LYS B 110 -31.03 12.67 9.65
CA LYS B 110 -31.62 13.98 9.84
C LYS B 110 -32.37 14.45 8.59
N ILE B 111 -31.68 14.55 7.46
CA ILE B 111 -32.23 15.28 6.33
C ILE B 111 -32.47 14.41 5.11
N TYR B 112 -31.72 13.31 4.97
CA TYR B 112 -31.77 12.55 3.73
C TYR B 112 -32.90 11.51 3.72
N ALA B 113 -33.10 10.81 4.83
CA ALA B 113 -34.18 9.84 4.90
C ALA B 113 -35.55 10.46 4.71
N PRO B 114 -35.88 11.64 5.27
CA PRO B 114 -37.20 12.23 4.99
C PRO B 114 -37.47 12.46 3.52
N GLN B 115 -36.47 12.93 2.76
CA GLN B 115 -36.70 13.18 1.33
C GLN B 115 -36.79 11.90 0.52
N GLY B 116 -36.53 10.75 1.12
CA GLY B 116 -36.55 9.50 0.38
C GLY B 116 -35.23 9.13 -0.27
N LEU B 117 -34.12 9.62 0.27
CA LEU B 117 -32.80 9.35 -0.28
C LEU B 117 -31.92 8.71 0.78
N LEU B 118 -30.85 8.06 0.32
CA LEU B 118 -29.92 7.36 1.19
C LEU B 118 -28.51 7.77 0.82
N LEU B 119 -27.70 8.11 1.82
CA LEU B 119 -26.30 8.44 1.63
C LEU B 119 -25.46 7.34 2.26
N THR B 120 -24.62 6.68 1.45
CA THR B 120 -23.79 5.60 1.93
C THR B 120 -22.40 6.11 2.27
N ASP B 121 -21.74 5.38 3.14
CA ASP B 121 -20.37 5.69 3.54
C ASP B 121 -19.42 5.30 2.43
N PRO B 122 -18.53 6.20 1.99
CA PRO B 122 -17.57 5.84 0.93
C PRO B 122 -16.55 4.78 1.34
N ILE B 123 -16.40 4.46 2.62
CA ILE B 123 -15.49 3.38 2.99
C ILE B 123 -16.05 2.01 2.62
N GLU B 124 -17.34 1.93 2.27
CA GLU B 124 -17.88 0.66 1.81
C GLU B 124 -17.55 0.43 0.34
N ARG B 125 -17.78 1.44 -0.49
CA ARG B 125 -17.55 1.33 -1.93
C ARG B 125 -16.09 1.43 -2.31
N GLY B 126 -15.17 1.36 -1.36
CA GLY B 126 -13.75 1.40 -1.67
C GLY B 126 -13.17 2.79 -1.81
N LEU B 127 -13.80 3.80 -1.21
CA LEU B 127 -13.33 5.18 -1.30
C LEU B 127 -13.20 5.64 -2.75
N ARG B 128 -14.19 5.29 -3.56
CA ARG B 128 -14.17 5.67 -4.96
C ARG B 128 -15.32 6.56 -5.35
N VAL B 129 -16.54 6.27 -4.90
CA VAL B 129 -17.73 7.05 -5.24
C VAL B 129 -18.62 7.14 -4.00
N ILE B 130 -19.73 7.85 -4.15
CA ILE B 130 -20.79 7.93 -3.16
C ILE B 130 -22.06 7.43 -3.84
N GLU B 131 -22.56 6.30 -3.38
CA GLU B 131 -23.74 5.68 -4.00
C GLU B 131 -24.99 6.29 -3.38
N ILE B 132 -25.48 7.36 -4.00
CA ILE B 132 -26.75 7.94 -3.61
C ILE B 132 -27.87 7.14 -4.27
N THR B 133 -28.76 6.57 -3.46
CA THR B 133 -29.83 5.71 -3.95
C THR B 133 -31.13 6.49 -3.87
N ILE B 134 -31.73 6.74 -5.02
CA ILE B 134 -33.00 7.46 -5.09
C ILE B 134 -34.13 6.45 -4.99
N TYR B 135 -35.04 6.67 -4.04
CA TYR B 135 -36.22 5.85 -3.90
C TYR B 135 -37.41 6.56 -4.52
N GLU B 136 -38.56 5.91 -4.47
CA GLU B 136 -39.80 6.50 -4.97
C GLU B 136 -40.86 6.49 -3.89
#